data_7ESB
#
_entry.id   7ESB
#
_cell.length_a   66.089
_cell.length_b   67.294
_cell.length_c   86.794
_cell.angle_alpha   90.000
_cell.angle_beta   90.000
_cell.angle_gamma   90.000
#
_symmetry.space_group_name_H-M   'P 21 21 21'
#
loop_
_entity.id
_entity.type
_entity.pdbx_description
1 polymer 'FAD:protein FMN transferase'
2 non-polymer "ADENOSINE-5'-TRIPHOSPHATE"
3 non-polymer 'MAGNESIUM ION'
4 water water
#
_entity_poly.entity_id   1
_entity_poly.type   'polypeptide(L)'
_entity_poly.pdbx_seq_one_letter_code
;MNSSKETKSEPSDSKKLMDQPYSKTDFLMGTVVTLKIYDKGKEDVLDKGFDRIKDLAAKITTSDSEKTSEVDKINEQAGK
KPVKVSEDVYYLIQEGLKYSENSGGSFDITIGPLTSLWHIGFSDARKPSQAEIDAVLPLINYKDVKMNDKDQTVYLEKEG
MELDLGAIAKGFITDETLKVFKENKVTTSIIDLGGNIYVQGNNPNGNKWNVGIQDPFSPRGSVIGKLPESNMSIVTSGIY
ERYLEVDGKTYHHILDPKTGYPFDNDIAGVSIVSKKSIDGDGLSTATFSKGIKGGMDYIEQFEGVDAIFISKEKKVYETS
GLKGQFELTDKDFQMDTLKK
;
_entity_poly.pdbx_strand_id   A
#
loop_
_chem_comp.id
_chem_comp.type
_chem_comp.name
_chem_comp.formula
ATP non-polymer ADENOSINE-5'-TRIPHOSPHATE 'C10 H16 N5 O13 P3'
MG non-polymer 'MAGNESIUM ION' 'Mg 2'
#
# COMPACT_ATOMS: atom_id res chain seq x y z
N LEU A 17 -6.67 13.95 -27.27
CA LEU A 17 -6.20 14.21 -25.91
C LEU A 17 -6.15 15.70 -25.59
N MET A 18 -6.54 16.03 -24.36
CA MET A 18 -6.53 17.42 -23.92
C MET A 18 -5.22 17.74 -23.23
N ASP A 19 -4.80 19.01 -23.33
CA ASP A 19 -3.62 19.44 -22.60
C ASP A 19 -3.93 19.62 -21.12
N GLN A 20 -5.09 20.17 -20.82
CA GLN A 20 -5.57 20.31 -19.46
C GLN A 20 -6.57 19.18 -19.19
N PRO A 21 -6.33 18.30 -18.23
CA PRO A 21 -7.22 17.16 -18.04
C PRO A 21 -8.47 17.56 -17.25
N TYR A 22 -9.49 16.72 -17.35
CA TYR A 22 -10.55 16.73 -16.35
C TYR A 22 -9.96 16.25 -15.02
N SER A 23 -10.31 16.93 -13.94
CA SER A 23 -9.70 16.61 -12.65
C SER A 23 -10.73 16.69 -11.54
N LYS A 24 -10.62 15.78 -10.56
CA LYS A 24 -11.47 15.87 -9.37
C LYS A 24 -10.67 15.35 -8.18
N THR A 25 -10.89 15.98 -7.03
CA THR A 25 -10.19 15.65 -5.80
C THR A 25 -11.18 15.38 -4.68
N ASP A 26 -10.89 14.35 -3.88
CA ASP A 26 -11.69 14.03 -2.70
C ASP A 26 -10.76 13.61 -1.58
N PHE A 27 -11.32 13.45 -0.39
CA PHE A 27 -10.56 13.00 0.78
C PHE A 27 -11.20 11.69 1.25
N LEU A 28 -10.52 10.58 0.98
CA LEU A 28 -11.06 9.25 1.23
C LEU A 28 -9.97 8.37 1.83
N MET A 29 -10.38 7.48 2.73
CA MET A 29 -9.45 6.57 3.40
C MET A 29 -8.31 7.34 4.05
N GLY A 30 -8.64 8.51 4.61
CA GLY A 30 -7.66 9.31 5.29
C GLY A 30 -6.65 10.00 4.40
N THR A 31 -6.88 10.09 3.10
CA THR A 31 -5.88 10.74 2.27
C THR A 31 -6.51 11.50 1.12
N VAL A 32 -5.73 12.45 0.58
CA VAL A 32 -6.18 13.22 -0.57
C VAL A 32 -6.07 12.34 -1.80
N VAL A 33 -7.18 12.20 -2.53
CA VAL A 33 -7.24 11.37 -3.73
C VAL A 33 -7.62 12.26 -4.91
N THR A 34 -6.77 12.26 -5.94
CA THR A 34 -7.05 13.05 -7.15
C THR A 34 -6.99 12.14 -8.37
N LEU A 35 -8.01 12.23 -9.22
CA LEU A 35 -8.02 11.53 -10.50
C LEU A 35 -7.98 12.55 -11.63
N LYS A 36 -7.19 12.26 -12.67
CA LYS A 36 -7.08 13.12 -13.85
C LYS A 36 -7.25 12.29 -15.11
N ILE A 37 -8.12 12.73 -16.02
CA ILE A 37 -8.37 12.06 -17.29
C ILE A 37 -8.15 13.05 -18.42
N TYR A 38 -7.34 12.65 -19.40
CA TYR A 38 -6.98 13.53 -20.50
C TYR A 38 -7.75 13.25 -21.79
N ASP A 39 -8.54 12.17 -21.83
CA ASP A 39 -9.33 11.85 -23.01
C ASP A 39 -10.56 12.76 -23.09
N LYS A 40 -10.67 13.52 -24.17
CA LYS A 40 -11.82 14.41 -24.35
C LYS A 40 -13.12 13.61 -24.34
N GLY A 41 -14.14 14.15 -23.68
CA GLY A 41 -15.44 13.51 -23.64
C GLY A 41 -15.61 12.48 -22.54
N LYS A 42 -14.61 12.29 -21.68
CA LYS A 42 -14.68 11.27 -20.64
C LYS A 42 -14.78 11.87 -19.25
N GLU A 43 -15.32 13.10 -19.13
CA GLU A 43 -15.35 13.74 -17.81
C GLU A 43 -16.18 12.96 -16.81
N ASP A 44 -17.26 12.30 -17.25
CA ASP A 44 -18.08 11.57 -16.29
C ASP A 44 -17.40 10.31 -15.75
N VAL A 45 -16.29 9.88 -16.34
CA VAL A 45 -15.59 8.72 -15.79
C VAL A 45 -14.94 9.06 -14.45
N LEU A 46 -14.67 10.34 -14.17
CA LEU A 46 -14.12 10.70 -12.86
C LEU A 46 -15.05 10.27 -11.74
N ASP A 47 -16.34 10.54 -11.89
CA ASP A 47 -17.30 10.14 -10.86
C ASP A 47 -17.43 8.62 -10.78
N LYS A 48 -17.35 7.92 -11.93
CA LYS A 48 -17.37 6.46 -11.90
C LYS A 48 -16.18 5.90 -11.14
N GLY A 49 -15.00 6.51 -11.34
CA GLY A 49 -13.83 6.11 -10.59
C GLY A 49 -14.00 6.35 -9.09
N PHE A 50 -14.47 7.54 -8.72
CA PHE A 50 -14.63 7.81 -7.30
C PHE A 50 -15.72 6.93 -6.68
N ASP A 51 -16.79 6.64 -7.44
CA ASP A 51 -17.81 5.72 -6.95
C ASP A 51 -17.19 4.35 -6.61
N ARG A 52 -16.29 3.88 -7.47
CA ARG A 52 -15.69 2.57 -7.25
C ARG A 52 -14.75 2.59 -6.05
N ILE A 53 -14.02 3.70 -5.87
CA ILE A 53 -13.15 3.86 -4.71
C ILE A 53 -13.96 3.85 -3.42
N LYS A 54 -15.06 4.62 -3.40
CA LYS A 54 -15.91 4.66 -2.21
C LYS A 54 -16.52 3.30 -1.93
N ASP A 55 -16.92 2.58 -2.99
CA ASP A 55 -17.50 1.25 -2.83
C ASP A 55 -16.51 0.31 -2.15
N LEU A 56 -15.27 0.26 -2.66
CA LEU A 56 -14.28 -0.65 -2.11
C LEU A 56 -13.84 -0.23 -0.71
N ALA A 57 -13.63 1.07 -0.49
CA ALA A 57 -13.18 1.51 0.83
C ALA A 57 -14.17 1.11 1.91
N ALA A 58 -15.47 1.21 1.61
CA ALA A 58 -16.49 0.85 2.59
C ALA A 58 -16.45 -0.64 2.92
N LYS A 59 -16.07 -1.49 1.94
CA LYS A 59 -16.04 -2.93 2.18
C LYS A 59 -14.85 -3.37 3.03
N ILE A 60 -13.69 -2.72 2.89
CA ILE A 60 -12.46 -3.27 3.44
C ILE A 60 -11.93 -2.51 4.66
N THR A 61 -12.42 -1.29 4.91
CA THR A 61 -11.90 -0.46 5.99
C THR A 61 -12.35 -0.98 7.36
N THR A 62 -11.47 -0.88 8.36
CA THR A 62 -11.83 -1.18 9.73
C THR A 62 -11.80 0.06 10.63
N SER A 63 -12.12 1.23 10.08
CA SER A 63 -11.99 2.50 10.80
C SER A 63 -13.28 3.30 10.88
N THR A 68 -19.80 -0.69 10.07
CA THR A 68 -19.40 -2.10 10.01
C THR A 68 -19.15 -2.58 8.59
N SER A 69 -17.88 -2.76 8.24
CA SER A 69 -17.49 -3.22 6.92
C SER A 69 -17.56 -4.74 6.84
N GLU A 70 -17.34 -5.29 5.63
CA GLU A 70 -17.23 -6.73 5.49
C GLU A 70 -16.10 -7.29 6.32
N VAL A 71 -14.96 -6.58 6.35
CA VAL A 71 -13.85 -7.07 7.17
C VAL A 71 -14.23 -7.07 8.64
N ASP A 72 -14.94 -6.02 9.09
CA ASP A 72 -15.42 -6.00 10.46
C ASP A 72 -16.29 -7.21 10.77
N LYS A 73 -17.14 -7.61 9.81
CA LYS A 73 -18.06 -8.72 10.03
C LYS A 73 -17.31 -10.03 10.18
N ILE A 74 -16.29 -10.26 9.35
CA ILE A 74 -15.42 -11.43 9.51
C ILE A 74 -14.81 -11.43 10.90
N ASN A 75 -14.28 -10.28 11.31
CA ASN A 75 -13.59 -10.18 12.59
C ASN A 75 -14.54 -10.46 13.76
N GLU A 76 -15.78 -9.97 13.66
CA GLU A 76 -16.72 -10.16 14.76
C GLU A 76 -17.02 -11.63 14.99
N GLN A 77 -16.90 -12.45 13.95
CA GLN A 77 -17.25 -13.86 14.04
C GLN A 77 -16.03 -14.76 14.17
N ALA A 78 -14.86 -14.21 14.48
CA ALA A 78 -13.65 -15.03 14.60
C ALA A 78 -13.85 -16.13 15.63
N GLY A 79 -13.49 -17.36 15.26
CA GLY A 79 -13.69 -18.51 16.12
C GLY A 79 -15.12 -18.92 16.34
N LYS A 80 -16.08 -18.31 15.64
CA LYS A 80 -17.50 -18.59 15.80
C LYS A 80 -18.12 -19.18 14.54
N LYS A 81 -18.14 -18.45 13.43
CA LYS A 81 -18.70 -19.01 12.20
C LYS A 81 -18.07 -18.34 11.01
N PRO A 82 -18.03 -19.02 9.86
CA PRO A 82 -17.61 -18.36 8.61
C PRO A 82 -18.56 -17.25 8.21
N VAL A 83 -18.03 -16.27 7.50
CA VAL A 83 -18.77 -15.08 7.09
C VAL A 83 -18.78 -14.98 5.57
N LYS A 84 -19.97 -14.77 5.01
CA LYS A 84 -20.12 -14.55 3.57
C LYS A 84 -19.54 -13.19 3.19
N VAL A 85 -18.75 -13.18 2.10
CA VAL A 85 -18.14 -11.95 1.60
C VAL A 85 -18.42 -11.78 0.12
N SER A 86 -18.36 -10.53 -0.33
CA SER A 86 -18.50 -10.21 -1.75
C SER A 86 -17.22 -10.60 -2.50
N GLU A 87 -17.34 -10.65 -3.83
CA GLU A 87 -16.22 -11.10 -4.66
C GLU A 87 -14.97 -10.22 -4.47
N ASP A 88 -15.16 -8.90 -4.37
CA ASP A 88 -14.04 -7.99 -4.14
C ASP A 88 -13.25 -8.38 -2.89
N VAL A 89 -13.97 -8.66 -1.81
CA VAL A 89 -13.31 -8.92 -0.53
C VAL A 89 -12.69 -10.32 -0.50
N TYR A 90 -13.38 -11.30 -1.09
CA TYR A 90 -12.80 -12.64 -1.17
C TYR A 90 -11.50 -12.61 -1.95
N TYR A 91 -11.47 -11.89 -3.07
CA TYR A 91 -10.27 -11.79 -3.88
C TYR A 91 -9.15 -11.10 -3.12
N LEU A 92 -9.44 -9.96 -2.49
CA LEU A 92 -8.38 -9.23 -1.80
C LEU A 92 -7.77 -10.07 -0.68
N ILE A 93 -8.60 -10.84 0.03
CA ILE A 93 -8.07 -11.70 1.08
C ILE A 93 -7.24 -12.83 0.49
N GLN A 94 -7.73 -13.45 -0.60
CA GLN A 94 -6.95 -14.46 -1.31
C GLN A 94 -5.56 -13.94 -1.63
N GLU A 95 -5.49 -12.72 -2.18
CA GLU A 95 -4.20 -12.16 -2.56
C GLU A 95 -3.38 -11.80 -1.32
N GLY A 96 -4.03 -11.28 -0.27
CA GLY A 96 -3.32 -11.02 0.96
C GLY A 96 -2.69 -12.27 1.55
N LEU A 97 -3.36 -13.43 1.43
CA LEU A 97 -2.75 -14.66 1.96
C LEU A 97 -1.51 -15.04 1.16
N LYS A 98 -1.47 -14.72 -0.14
CA LYS A 98 -0.29 -14.99 -0.94
C LYS A 98 0.88 -14.10 -0.54
N TYR A 99 0.63 -12.79 -0.37
CA TYR A 99 1.70 -11.91 0.10
C TYR A 99 2.19 -12.34 1.46
N SER A 100 1.29 -12.84 2.31
CA SER A 100 1.67 -13.29 3.65
C SER A 100 2.60 -14.49 3.56
N GLU A 101 2.20 -15.52 2.80
CA GLU A 101 3.05 -16.70 2.67
C GLU A 101 4.39 -16.36 2.02
N ASN A 102 4.39 -15.55 0.96
CA ASN A 102 5.62 -15.29 0.23
C ASN A 102 6.65 -14.57 1.08
N SER A 103 6.21 -13.83 2.10
CA SER A 103 7.10 -13.10 2.99
C SER A 103 7.55 -13.92 4.19
N GLY A 104 7.14 -15.18 4.27
CA GLY A 104 7.43 -15.95 5.48
C GLY A 104 6.70 -15.41 6.69
N GLY A 105 5.57 -14.75 6.48
CA GLY A 105 4.75 -14.27 7.57
C GLY A 105 5.19 -12.94 8.17
N SER A 106 6.18 -12.27 7.58
CA SER A 106 6.50 -10.93 8.06
C SER A 106 5.44 -9.92 7.63
N PHE A 107 4.86 -10.13 6.45
CA PHE A 107 3.59 -9.53 6.05
C PHE A 107 2.51 -10.51 6.49
N ASP A 108 1.51 -10.05 7.23
CA ASP A 108 0.45 -10.96 7.66
C ASP A 108 -0.86 -10.20 7.80
N ILE A 109 -1.86 -10.58 7.00
CA ILE A 109 -3.14 -9.88 7.06
C ILE A 109 -3.90 -10.17 8.34
N THR A 110 -3.46 -11.12 9.18
CA THR A 110 -4.08 -11.29 10.48
C THR A 110 -3.37 -10.49 11.57
N ILE A 111 -2.59 -9.47 11.18
CA ILE A 111 -1.93 -8.60 12.15
C ILE A 111 -2.90 -7.64 12.84
N GLY A 112 -4.17 -7.66 12.47
CA GLY A 112 -5.18 -6.77 13.02
C GLY A 112 -5.19 -6.52 14.52
N PRO A 113 -5.11 -7.56 15.35
CA PRO A 113 -5.12 -7.31 16.79
C PRO A 113 -3.96 -6.43 17.25
N LEU A 114 -2.83 -6.51 16.55
CA LEU A 114 -1.67 -5.69 16.90
C LEU A 114 -1.77 -4.27 16.33
N THR A 115 -2.18 -4.13 15.07
CA THR A 115 -2.28 -2.79 14.49
C THR A 115 -3.44 -2.01 15.11
N SER A 116 -4.50 -2.70 15.57
CA SER A 116 -5.57 -2.06 16.33
C SER A 116 -5.09 -1.56 17.69
N LEU A 117 -4.16 -2.29 18.30
CA LEU A 117 -3.66 -1.91 19.63
C LEU A 117 -2.88 -0.60 19.56
N TRP A 118 -1.88 -0.53 18.69
CA TRP A 118 -1.08 0.69 18.56
C TRP A 118 -1.88 1.82 17.92
N HIS A 119 -2.61 1.50 16.84
CA HIS A 119 -3.40 2.48 16.10
C HIS A 119 -2.54 3.64 15.61
N ILE A 120 -1.35 3.31 15.08
CA ILE A 120 -0.43 4.35 14.60
C ILE A 120 -1.07 5.18 13.50
N GLY A 121 -0.89 6.50 13.57
CA GLY A 121 -1.44 7.42 12.60
C GLY A 121 -2.80 7.98 12.94
N PHE A 122 -3.44 7.49 14.01
CA PHE A 122 -4.73 8.00 14.45
C PHE A 122 -4.54 8.89 15.66
N SER A 123 -5.58 9.68 15.98
CA SER A 123 -5.45 10.62 17.09
C SER A 123 -5.27 9.92 18.43
N ASP A 124 -5.66 8.65 18.55
CA ASP A 124 -5.55 7.92 19.81
C ASP A 124 -4.39 6.92 19.82
N ALA A 125 -3.42 7.08 18.92
CA ALA A 125 -2.28 6.17 18.85
C ALA A 125 -1.59 6.06 20.21
N ARG A 126 -1.17 4.85 20.57
CA ARG A 126 -0.68 4.59 21.92
C ARG A 126 0.37 3.49 21.87
N LYS A 127 1.39 3.59 22.72
CA LYS A 127 2.36 2.51 22.90
C LYS A 127 1.82 1.55 23.94
N PRO A 128 1.41 0.34 23.58
CA PRO A 128 0.81 -0.58 24.55
C PRO A 128 1.88 -1.20 25.44
N SER A 129 1.41 -1.75 26.56
CA SER A 129 2.33 -2.44 27.45
C SER A 129 2.77 -3.76 26.84
N GLN A 130 3.89 -4.30 27.37
CA GLN A 130 4.35 -5.60 26.88
C GLN A 130 3.32 -6.69 27.13
N ALA A 131 2.60 -6.61 28.25
CA ALA A 131 1.55 -7.59 28.51
C ALA A 131 0.48 -7.54 27.42
N GLU A 132 0.09 -6.34 27.01
CA GLU A 132 -0.91 -6.21 25.94
C GLU A 132 -0.38 -6.81 24.65
N ILE A 133 0.90 -6.60 24.36
CA ILE A 133 1.50 -7.16 23.15
C ILE A 133 1.56 -8.67 23.25
N ASP A 134 1.99 -9.20 24.39
CA ASP A 134 2.09 -10.66 24.50
C ASP A 134 0.73 -11.33 24.40
N ALA A 135 -0.35 -10.61 24.71
CA ALA A 135 -1.69 -11.17 24.58
C ALA A 135 -2.17 -11.28 23.14
N VAL A 136 -1.61 -10.49 22.21
CA VAL A 136 -2.08 -10.52 20.83
C VAL A 136 -1.14 -11.28 19.88
N LEU A 137 0.15 -11.41 20.21
CA LEU A 137 1.05 -12.15 19.33
C LEU A 137 0.57 -13.58 19.00
N PRO A 138 0.00 -14.35 19.93
CA PRO A 138 -0.47 -15.70 19.58
C PRO A 138 -1.65 -15.73 18.61
N LEU A 139 -2.30 -14.59 18.38
CA LEU A 139 -3.45 -14.52 17.48
C LEU A 139 -3.07 -14.28 16.02
N ILE A 140 -1.80 -13.96 15.75
CA ILE A 140 -1.36 -13.57 14.42
C ILE A 140 -0.84 -14.82 13.70
N ASN A 141 -1.54 -15.25 12.65
CA ASN A 141 -1.18 -16.45 11.91
C ASN A 141 -2.02 -16.53 10.63
N TYR A 142 -1.45 -16.17 9.48
CA TYR A 142 -2.20 -16.20 8.24
C TYR A 142 -2.70 -17.60 7.89
N LYS A 143 -2.09 -18.65 8.45
CA LYS A 143 -2.58 -19.99 8.16
C LYS A 143 -3.92 -20.30 8.84
N ASP A 144 -4.37 -19.46 9.77
CA ASP A 144 -5.62 -19.66 10.46
C ASP A 144 -6.78 -18.91 9.79
N VAL A 145 -6.60 -18.49 8.54
CA VAL A 145 -7.67 -17.93 7.72
C VAL A 145 -8.15 -19.04 6.80
N LYS A 146 -9.40 -19.47 6.98
CA LYS A 146 -9.95 -20.59 6.23
C LYS A 146 -10.92 -20.08 5.17
N MET A 147 -10.61 -20.34 3.91
CA MET A 147 -11.40 -19.84 2.79
C MET A 147 -12.20 -20.97 2.19
N ASN A 148 -13.47 -20.72 1.90
CA ASN A 148 -14.32 -21.70 1.23
C ASN A 148 -14.75 -21.12 -0.11
N ASP A 149 -14.21 -21.68 -1.21
CA ASP A 149 -14.48 -21.14 -2.54
C ASP A 149 -15.95 -21.28 -2.93
N LYS A 150 -16.55 -22.44 -2.66
CA LYS A 150 -17.92 -22.69 -3.11
C LYS A 150 -18.91 -21.80 -2.39
N ASP A 151 -18.74 -21.63 -1.07
CA ASP A 151 -19.63 -20.78 -0.29
C ASP A 151 -19.24 -19.32 -0.32
N GLN A 152 -18.03 -19.00 -0.79
CA GLN A 152 -17.50 -17.63 -0.74
C GLN A 152 -17.54 -17.08 0.68
N THR A 153 -16.97 -17.85 1.61
CA THR A 153 -16.88 -17.46 3.01
C THR A 153 -15.43 -17.40 3.45
N VAL A 154 -15.20 -16.56 4.46
CA VAL A 154 -13.93 -16.45 5.16
C VAL A 154 -14.17 -16.73 6.63
N TYR A 155 -13.30 -17.53 7.23
CA TYR A 155 -13.44 -17.90 8.64
C TYR A 155 -12.09 -17.74 9.33
N LEU A 156 -12.06 -16.98 10.43
CA LEU A 156 -10.89 -16.93 11.27
C LEU A 156 -11.01 -17.99 12.35
N GLU A 157 -9.98 -18.84 12.46
CA GLU A 157 -10.09 -20.07 13.24
C GLU A 157 -10.13 -19.83 14.75
N LYS A 158 -9.52 -18.76 15.24
CA LYS A 158 -9.39 -18.54 16.67
C LYS A 158 -10.11 -17.25 17.08
N GLU A 159 -10.81 -17.33 18.22
CA GLU A 159 -11.43 -16.14 18.79
C GLU A 159 -10.38 -15.05 19.03
N GLY A 160 -10.77 -13.80 18.81
CA GLY A 160 -9.88 -12.68 18.98
C GLY A 160 -9.09 -12.29 17.74
N MET A 161 -9.03 -13.15 16.72
CA MET A 161 -8.32 -12.78 15.50
C MET A 161 -8.99 -11.61 14.79
N GLU A 162 -8.17 -10.83 14.08
CA GLU A 162 -8.65 -9.71 13.27
C GLU A 162 -7.87 -9.60 11.98
N LEU A 163 -8.58 -9.52 10.87
CA LEU A 163 -7.97 -9.15 9.59
C LEU A 163 -7.69 -7.64 9.55
N ASP A 164 -6.58 -7.30 8.87
CA ASP A 164 -6.25 -5.92 8.53
C ASP A 164 -5.72 -5.95 7.10
N LEU A 165 -6.48 -5.37 6.16
CA LEU A 165 -6.06 -5.36 4.76
C LEU A 165 -5.41 -4.04 4.35
N GLY A 166 -5.02 -3.21 5.32
CA GLY A 166 -4.53 -1.87 5.03
C GLY A 166 -3.26 -1.80 4.18
N ALA A 167 -2.43 -2.87 4.21
CA ALA A 167 -1.16 -2.83 3.52
C ALA A 167 -1.27 -3.16 2.04
N ILE A 168 -2.46 -3.56 1.57
CA ILE A 168 -2.71 -3.77 0.16
C ILE A 168 -3.95 -3.04 -0.32
N ALA A 169 -4.67 -2.34 0.56
CA ALA A 169 -5.93 -1.72 0.18
C ALA A 169 -5.74 -0.67 -0.91
N LYS A 170 -4.77 0.22 -0.76
CA LYS A 170 -4.67 1.32 -1.72
C LYS A 170 -4.23 0.82 -3.08
N GLY A 171 -3.32 -0.15 -3.10
CA GLY A 171 -2.89 -0.73 -4.35
C GLY A 171 -4.02 -1.43 -5.08
N PHE A 172 -4.78 -2.26 -4.34
CA PHE A 172 -5.93 -2.92 -4.94
C PHE A 172 -6.92 -1.90 -5.50
N ILE A 173 -7.23 -0.86 -4.71
CA ILE A 173 -8.22 0.12 -5.16
C ILE A 173 -7.71 0.87 -6.38
N THR A 174 -6.42 1.17 -6.41
CA THR A 174 -5.82 1.79 -7.60
C THR A 174 -5.99 0.91 -8.82
N ASP A 175 -5.67 -0.39 -8.69
CA ASP A 175 -5.85 -1.32 -9.79
C ASP A 175 -7.30 -1.35 -10.26
N GLU A 176 -8.24 -1.35 -9.31
CA GLU A 176 -9.65 -1.43 -9.67
C GLU A 176 -10.15 -0.11 -10.28
N THR A 177 -9.56 1.02 -9.89
CA THR A 177 -9.91 2.28 -10.54
C THR A 177 -9.45 2.27 -11.99
N LEU A 178 -8.24 1.78 -12.23
CA LEU A 178 -7.74 1.67 -13.59
C LEU A 178 -8.65 0.78 -14.42
N LYS A 179 -9.15 -0.30 -13.83
CA LYS A 179 -10.07 -1.20 -14.54
C LYS A 179 -11.32 -0.44 -15.00
N VAL A 180 -11.88 0.40 -14.13
CA VAL A 180 -13.01 1.24 -14.51
C VAL A 180 -12.64 2.18 -15.65
N PHE A 181 -11.47 2.81 -15.57
CA PHE A 181 -11.04 3.69 -16.65
C PHE A 181 -10.98 2.95 -17.97
N LYS A 182 -10.36 1.78 -17.99
CA LYS A 182 -10.20 1.05 -19.24
C LYS A 182 -11.54 0.55 -19.78
N GLU A 183 -12.45 0.14 -18.89
CA GLU A 183 -13.79 -0.25 -19.32
C GLU A 183 -14.53 0.89 -19.99
N ASN A 184 -14.15 2.14 -19.69
CA ASN A 184 -14.75 3.31 -20.31
C ASN A 184 -13.89 3.90 -21.42
N LYS A 185 -12.88 3.16 -21.89
CA LYS A 185 -12.03 3.55 -23.02
C LYS A 185 -11.23 4.81 -22.73
N VAL A 186 -10.93 5.04 -21.45
CA VAL A 186 -9.90 6.02 -21.10
C VAL A 186 -8.54 5.44 -21.47
N THR A 187 -7.68 6.29 -22.06
CA THR A 187 -6.34 5.89 -22.48
C THR A 187 -5.23 6.58 -21.71
N THR A 188 -5.49 7.77 -21.19
CA THR A 188 -4.43 8.65 -20.70
C THR A 188 -4.90 9.28 -19.39
N SER A 189 -4.28 8.89 -18.28
CA SER A 189 -4.83 9.29 -17.00
C SER A 189 -3.76 9.21 -15.93
N ILE A 190 -4.03 9.86 -14.79
CA ILE A 190 -3.20 9.74 -13.61
C ILE A 190 -4.09 9.48 -12.42
N ILE A 191 -3.80 8.41 -11.69
CA ILE A 191 -4.50 8.05 -10.47
C ILE A 191 -3.56 8.32 -9.31
N ASP A 192 -3.97 9.18 -8.37
CA ASP A 192 -3.13 9.57 -7.25
C ASP A 192 -3.88 9.31 -5.95
N LEU A 193 -3.48 8.26 -5.23
CA LEU A 193 -4.02 7.99 -3.90
C LEU A 193 -2.95 8.36 -2.88
N GLY A 194 -3.02 9.59 -2.37
CA GLY A 194 -2.13 10.01 -1.31
C GLY A 194 -0.65 9.94 -1.63
N GLY A 195 -0.28 10.15 -2.89
CA GLY A 195 1.11 10.10 -3.29
C GLY A 195 1.53 8.77 -3.88
N ASN A 196 0.66 7.78 -3.84
CA ASN A 196 0.82 6.53 -4.59
C ASN A 196 0.18 6.69 -5.96
N ILE A 197 0.93 6.42 -7.02
CA ILE A 197 0.63 6.89 -8.37
C ILE A 197 0.46 5.71 -9.32
N TYR A 198 -0.54 5.81 -10.20
CA TYR A 198 -0.54 5.04 -11.45
C TYR A 198 -0.62 6.01 -12.62
N VAL A 199 0.30 5.88 -13.58
CA VAL A 199 0.29 6.71 -14.78
C VAL A 199 -0.12 5.84 -15.96
N GLN A 200 -1.19 6.22 -16.64
CA GLN A 200 -1.71 5.49 -17.78
C GLN A 200 -1.35 6.24 -19.07
N GLY A 201 -0.88 5.51 -20.07
CA GLY A 201 -0.51 6.19 -21.29
C GLY A 201 0.75 7.02 -21.11
N ASN A 202 0.87 8.06 -21.94
CA ASN A 202 1.96 9.02 -21.89
C ASN A 202 1.39 10.41 -21.70
N ASN A 203 2.28 11.35 -21.38
CA ASN A 203 1.93 12.76 -21.41
C ASN A 203 1.30 13.08 -22.77
N PRO A 204 0.28 13.94 -22.82
CA PRO A 204 -0.27 14.33 -24.14
C PRO A 204 0.78 14.91 -25.09
N ASN A 205 1.90 15.44 -24.58
CA ASN A 205 2.92 15.96 -25.47
C ASN A 205 3.79 14.87 -26.09
N GLY A 206 3.53 13.60 -25.78
CA GLY A 206 4.24 12.48 -26.35
C GLY A 206 5.30 11.86 -25.47
N ASN A 207 5.87 12.62 -24.52
CA ASN A 207 6.89 12.09 -23.63
C ASN A 207 6.29 11.16 -22.59
N LYS A 208 7.11 10.24 -22.09
CA LYS A 208 6.72 9.47 -20.92
C LYS A 208 6.42 10.43 -19.77
N TRP A 209 5.56 10.00 -18.86
CA TRP A 209 5.30 10.78 -17.66
C TRP A 209 6.54 10.84 -16.80
N ASN A 210 6.84 12.02 -16.25
CA ASN A 210 7.94 12.17 -15.32
C ASN A 210 7.40 12.02 -13.92
N VAL A 211 7.68 10.89 -13.29
CA VAL A 211 7.07 10.53 -12.01
C VAL A 211 8.04 10.89 -10.90
N GLY A 212 7.56 11.63 -9.92
CA GLY A 212 8.40 11.99 -8.79
C GLY A 212 8.63 10.79 -7.88
N ILE A 213 9.86 10.68 -7.37
CA ILE A 213 10.19 9.71 -6.34
C ILE A 213 10.14 10.43 -5.00
N GLN A 214 9.23 9.98 -4.14
CA GLN A 214 8.88 10.70 -2.91
C GLN A 214 10.07 10.83 -1.96
N ASP A 215 10.17 11.99 -1.33
CA ASP A 215 11.17 12.26 -0.29
C ASP A 215 10.58 11.78 1.04
N PRO A 216 11.10 10.70 1.65
CA PRO A 216 10.50 10.23 2.90
C PRO A 216 10.73 11.16 4.08
N PHE A 217 11.59 12.18 3.94
CA PHE A 217 11.83 13.13 5.02
C PHE A 217 10.93 14.35 4.94
N SER A 218 10.05 14.42 3.95
CA SER A 218 9.18 15.56 3.71
C SER A 218 7.77 15.09 3.41
N PRO A 219 6.78 15.99 3.49
CA PRO A 219 5.39 15.59 3.27
C PRO A 219 5.17 15.07 1.86
N ARG A 220 4.11 14.28 1.71
CA ARG A 220 3.78 13.69 0.42
C ARG A 220 3.64 14.80 -0.62
N GLY A 221 4.30 14.60 -1.77
CA GLY A 221 4.40 15.59 -2.81
C GLY A 221 5.81 16.09 -3.03
N SER A 222 6.61 16.15 -1.97
CA SER A 222 8.02 16.49 -2.11
C SER A 222 8.80 15.30 -2.64
N VAL A 223 9.75 15.55 -3.54
CA VAL A 223 10.46 14.47 -4.21
C VAL A 223 11.97 14.62 -4.07
N ILE A 224 12.68 13.52 -4.29
CA ILE A 224 14.14 13.52 -4.37
C ILE A 224 14.66 13.36 -5.79
N GLY A 225 13.79 13.11 -6.76
CA GLY A 225 14.21 12.85 -8.12
C GLY A 225 13.01 12.39 -8.94
N LYS A 226 13.30 12.01 -10.19
CA LYS A 226 12.26 11.71 -11.16
C LYS A 226 12.58 10.41 -11.90
N LEU A 227 11.51 9.74 -12.35
CA LEU A 227 11.60 8.50 -13.12
C LEU A 227 10.60 8.54 -14.26
N PRO A 228 11.05 8.49 -15.53
CA PRO A 228 10.08 8.45 -16.64
C PRO A 228 9.39 7.08 -16.70
N GLU A 229 8.05 7.10 -16.79
CA GLU A 229 7.31 5.85 -16.84
C GLU A 229 6.03 6.02 -17.65
N SER A 230 5.48 4.89 -18.07
CA SER A 230 4.24 4.80 -18.83
C SER A 230 3.57 3.48 -18.46
N ASN A 231 2.26 3.52 -18.20
CA ASN A 231 1.49 2.33 -17.85
C ASN A 231 2.14 1.56 -16.71
N MET A 232 2.28 2.25 -15.58
CA MET A 232 3.07 1.73 -14.48
C MET A 232 2.59 2.30 -13.16
N SER A 233 2.70 1.48 -12.12
CA SER A 233 2.45 1.91 -10.74
C SER A 233 3.77 2.31 -10.08
N ILE A 234 3.75 3.40 -9.34
CA ILE A 234 4.87 3.83 -8.51
C ILE A 234 4.29 4.15 -7.13
N VAL A 235 4.46 3.24 -6.17
CA VAL A 235 3.98 3.43 -4.82
C VAL A 235 5.12 3.93 -3.95
N THR A 236 4.79 4.47 -2.79
CA THR A 236 5.82 4.98 -1.90
C THR A 236 5.42 4.73 -0.45
N SER A 237 6.44 4.54 0.38
CA SER A 237 6.24 4.25 1.78
C SER A 237 7.40 4.85 2.56
N GLY A 238 7.11 5.44 3.71
CA GLY A 238 8.15 6.07 4.50
C GLY A 238 7.82 6.03 5.96
N ILE A 239 8.87 5.93 6.80
CA ILE A 239 8.64 5.74 8.23
C ILE A 239 8.34 7.03 8.97
N TYR A 240 8.49 8.19 8.33
CA TYR A 240 8.29 9.46 9.03
C TYR A 240 6.92 10.07 8.76
N GLU A 241 6.03 9.34 8.09
CA GLU A 241 4.76 9.93 7.63
C GLU A 241 3.73 10.08 8.76
N ARG A 242 3.66 9.12 9.70
CA ARG A 242 2.56 9.19 10.65
C ARG A 242 2.92 8.56 12.00
N TYR A 243 4.18 8.68 12.41
CA TYR A 243 4.66 7.94 13.57
C TYR A 243 4.13 8.53 14.88
N LEU A 244 4.14 7.67 15.90
CA LEU A 244 3.85 8.09 17.27
C LEU A 244 5.16 8.38 17.98
N GLU A 245 5.23 9.51 18.67
CA GLU A 245 6.39 9.89 19.46
C GLU A 245 5.97 9.93 20.92
N VAL A 246 6.68 9.18 21.76
CA VAL A 246 6.38 9.22 23.19
C VAL A 246 7.67 8.97 23.97
N ASP A 247 7.94 9.85 24.93
CA ASP A 247 9.11 9.76 25.81
C ASP A 247 10.39 9.60 25.00
N GLY A 248 10.56 10.43 23.97
CA GLY A 248 11.79 10.51 23.24
C GLY A 248 12.01 9.44 22.18
N LYS A 249 11.10 8.48 22.04
CA LYS A 249 11.22 7.44 21.02
C LYS A 249 10.07 7.56 20.03
N THR A 250 10.30 7.03 18.83
CA THR A 250 9.30 7.07 17.76
C THR A 250 8.97 5.67 17.27
N TYR A 251 7.71 5.49 16.86
CA TYR A 251 7.17 4.19 16.46
C TYR A 251 6.36 4.39 15.20
N HIS A 252 6.84 3.81 14.09
CA HIS A 252 6.16 3.97 12.81
C HIS A 252 5.11 2.86 12.64
N HIS A 253 4.45 2.86 11.49
CA HIS A 253 3.23 2.09 11.29
C HIS A 253 3.44 0.68 10.72
N ILE A 254 4.66 0.31 10.33
CA ILE A 254 4.92 -0.99 9.71
C ILE A 254 5.41 -1.92 10.80
N LEU A 255 4.54 -2.80 11.29
CA LEU A 255 4.79 -3.56 12.52
C LEU A 255 5.25 -4.98 12.22
N ASP A 256 6.13 -5.50 13.07
CA ASP A 256 6.63 -6.87 12.94
C ASP A 256 5.68 -7.82 13.66
N PRO A 257 4.96 -8.70 12.95
CA PRO A 257 3.98 -9.55 13.64
C PRO A 257 4.63 -10.57 14.56
N LYS A 258 5.94 -10.76 14.46
CA LYS A 258 6.64 -11.70 15.32
C LYS A 258 7.14 -11.08 16.62
N THR A 259 7.23 -9.74 16.70
CA THR A 259 7.69 -9.06 17.90
C THR A 259 6.66 -8.12 18.51
N GLY A 260 5.74 -7.59 17.72
CA GLY A 260 4.80 -6.60 18.21
C GLY A 260 5.27 -5.16 18.14
N TYR A 261 6.48 -4.91 17.64
CA TYR A 261 7.04 -3.56 17.54
C TYR A 261 7.33 -3.23 16.09
N PRO A 262 7.45 -1.95 15.74
CA PRO A 262 7.82 -1.60 14.36
C PRO A 262 9.14 -2.24 13.96
N PHE A 263 9.25 -2.58 12.68
CA PHE A 263 10.53 -3.04 12.14
C PHE A 263 11.61 -2.00 12.44
N ASP A 264 12.80 -2.49 12.75
CA ASP A 264 13.91 -1.66 13.21
C ASP A 264 15.11 -1.95 12.31
N ASN A 265 15.32 -1.12 11.27
CA ASN A 265 16.45 -1.34 10.38
C ASN A 265 16.82 -0.02 9.71
N ASP A 266 17.50 -0.10 8.56
CA ASP A 266 18.09 1.08 7.93
C ASP A 266 17.19 1.74 6.90
N ILE A 267 15.98 1.23 6.66
CA ILE A 267 15.11 1.82 5.63
C ILE A 267 14.40 3.05 6.19
N ALA A 268 14.58 4.20 5.53
CA ALA A 268 13.70 5.34 5.78
C ALA A 268 12.51 5.36 4.83
N GLY A 269 12.71 5.00 3.58
CA GLY A 269 11.59 4.91 2.66
C GLY A 269 11.93 4.02 1.49
N VAL A 270 10.89 3.64 0.74
CA VAL A 270 11.08 2.83 -0.45
C VAL A 270 9.96 3.15 -1.44
N SER A 271 10.31 3.19 -2.72
CA SER A 271 9.34 3.32 -3.80
C SER A 271 9.46 2.09 -4.67
N ILE A 272 8.34 1.46 -4.98
CA ILE A 272 8.36 0.25 -5.79
C ILE A 272 7.65 0.52 -7.09
N VAL A 273 8.29 0.12 -8.20
CA VAL A 273 7.80 0.30 -9.56
C VAL A 273 7.35 -1.07 -10.07
N SER A 274 6.08 -1.18 -10.45
CA SER A 274 5.58 -2.47 -10.91
C SER A 274 4.36 -2.25 -11.79
N LYS A 275 3.98 -3.28 -12.55
CA LYS A 275 2.84 -3.11 -13.45
C LYS A 275 1.53 -3.00 -12.68
N LYS A 276 1.41 -3.72 -11.57
CA LYS A 276 0.20 -3.76 -10.75
C LYS A 276 0.45 -3.03 -9.44
N SER A 277 -0.50 -2.16 -9.07
CA SER A 277 -0.30 -1.38 -7.85
C SER A 277 -0.38 -2.26 -6.61
N ILE A 278 -1.20 -3.30 -6.64
CA ILE A 278 -1.30 -4.17 -5.46
C ILE A 278 0.02 -4.88 -5.19
N ASP A 279 0.77 -5.23 -6.25
CA ASP A 279 2.07 -5.86 -6.02
C ASP A 279 3.05 -4.88 -5.38
N GLY A 280 3.08 -3.65 -5.87
CA GLY A 280 3.94 -2.65 -5.25
C GLY A 280 3.59 -2.44 -3.80
N ASP A 281 2.29 -2.34 -3.49
CA ASP A 281 1.83 -2.08 -2.14
C ASP A 281 2.20 -3.23 -1.21
N GLY A 282 1.91 -4.47 -1.63
CA GLY A 282 2.17 -5.60 -0.77
C GLY A 282 3.66 -5.87 -0.60
N LEU A 283 4.40 -5.80 -1.70
CA LEU A 283 5.84 -6.08 -1.62
C LEU A 283 6.57 -5.01 -0.82
N SER A 284 6.13 -3.75 -0.89
CA SER A 284 6.75 -2.70 -0.08
C SER A 284 6.68 -3.04 1.39
N THR A 285 5.47 -3.36 1.87
CA THR A 285 5.31 -3.73 3.27
C THR A 285 6.17 -4.93 3.62
N ALA A 286 6.24 -5.91 2.71
CA ALA A 286 7.02 -7.12 2.98
C ALA A 286 8.52 -6.82 3.05
N THR A 287 9.03 -5.94 2.17
CA THR A 287 10.48 -5.68 2.17
C THR A 287 10.95 -4.97 3.42
N PHE A 288 10.08 -4.23 4.10
CA PHE A 288 10.49 -3.53 5.32
C PHE A 288 11.02 -4.48 6.39
N SER A 289 10.73 -5.77 6.30
CA SER A 289 11.27 -6.74 7.24
C SER A 289 12.72 -7.11 6.97
N LYS A 290 13.26 -6.74 5.81
CA LYS A 290 14.55 -7.25 5.35
C LYS A 290 15.67 -6.23 5.36
N GLY A 291 15.36 -4.95 5.62
CA GLY A 291 16.36 -3.90 5.52
C GLY A 291 16.68 -3.60 4.06
N ILE A 292 17.61 -2.66 3.85
CA ILE A 292 17.88 -2.21 2.49
C ILE A 292 18.51 -3.32 1.67
N LYS A 293 19.61 -3.91 2.16
CA LYS A 293 20.33 -4.87 1.35
C LYS A 293 19.51 -6.15 1.13
N GLY A 294 18.87 -6.64 2.18
CA GLY A 294 18.00 -7.81 2.02
C GLY A 294 16.76 -7.51 1.18
N GLY A 295 16.21 -6.30 1.30
CA GLY A 295 15.03 -5.96 0.53
C GLY A 295 15.34 -5.83 -0.95
N MET A 296 16.50 -5.29 -1.29
CA MET A 296 16.92 -5.26 -2.69
C MET A 296 17.09 -6.66 -3.26
N ASP A 297 17.71 -7.56 -2.49
CA ASP A 297 17.85 -8.94 -2.97
C ASP A 297 16.48 -9.57 -3.21
N TYR A 298 15.51 -9.28 -2.33
CA TYR A 298 14.16 -9.80 -2.49
C TYR A 298 13.51 -9.26 -3.76
N ILE A 299 13.64 -7.95 -4.01
CA ILE A 299 13.02 -7.37 -5.20
C ILE A 299 13.70 -7.87 -6.48
N GLU A 300 15.00 -8.18 -6.41
CA GLU A 300 15.66 -8.73 -7.60
C GLU A 300 15.14 -10.13 -7.96
N GLN A 301 14.28 -10.72 -7.14
CA GLN A 301 13.71 -12.03 -7.45
C GLN A 301 12.39 -11.94 -8.20
N PHE A 302 11.74 -10.78 -8.20
CA PHE A 302 10.47 -10.59 -8.89
C PHE A 302 10.73 -9.93 -10.24
N GLU A 303 10.48 -10.66 -11.31
CA GLU A 303 10.60 -10.10 -12.65
C GLU A 303 9.62 -8.96 -12.84
N GLY A 304 10.09 -7.86 -13.44
CA GLY A 304 9.23 -6.73 -13.70
C GLY A 304 8.91 -5.87 -12.51
N VAL A 305 9.62 -6.03 -11.39
CA VAL A 305 9.45 -5.21 -10.20
C VAL A 305 10.80 -4.63 -9.82
N ASP A 306 10.84 -3.32 -9.56
CA ASP A 306 12.08 -2.66 -9.17
C ASP A 306 11.81 -1.68 -8.04
N ALA A 307 12.89 -1.18 -7.43
CA ALA A 307 12.72 -0.37 -6.23
C ALA A 307 13.81 0.68 -6.11
N ILE A 308 13.46 1.78 -5.45
CA ILE A 308 14.41 2.76 -4.97
C ILE A 308 14.30 2.78 -3.45
N PHE A 309 15.41 2.46 -2.77
CA PHE A 309 15.45 2.46 -1.32
C PHE A 309 16.20 3.70 -0.84
N ILE A 310 15.75 4.26 0.27
CA ILE A 310 16.35 5.46 0.86
C ILE A 310 16.65 5.17 2.32
N SER A 311 17.91 5.32 2.72
CA SER A 311 18.33 5.02 4.08
C SER A 311 18.10 6.21 5.01
N LYS A 312 18.19 5.92 6.31
CA LYS A 312 18.02 6.96 7.34
C LYS A 312 19.11 8.03 7.27
N GLU A 313 20.24 7.74 6.63
CA GLU A 313 21.30 8.71 6.41
C GLU A 313 21.29 9.28 4.99
N LYS A 314 20.16 9.15 4.29
CA LYS A 314 19.92 9.80 3.00
C LYS A 314 20.80 9.26 1.88
N LYS A 315 21.17 7.98 1.95
CA LYS A 315 21.77 7.26 0.82
C LYS A 315 20.66 6.62 0.01
N VAL A 316 20.82 6.58 -1.31
CA VAL A 316 19.78 6.12 -2.24
C VAL A 316 20.31 4.96 -3.04
N TYR A 317 19.53 3.87 -3.11
CA TYR A 317 19.90 2.64 -3.80
C TYR A 317 18.84 2.28 -4.84
N GLU A 318 19.27 1.77 -5.99
CA GLU A 318 18.35 1.38 -7.06
C GLU A 318 18.60 -0.05 -7.47
N THR A 319 17.52 -0.79 -7.71
CA THR A 319 17.64 -2.16 -8.20
C THR A 319 17.98 -2.15 -9.69
N SER A 320 18.34 -3.34 -10.21
CA SER A 320 18.99 -3.42 -11.51
C SER A 320 18.14 -2.82 -12.63
N GLY A 321 16.81 -2.99 -12.55
CA GLY A 321 15.96 -2.53 -13.63
C GLY A 321 15.81 -1.03 -13.75
N LEU A 322 16.34 -0.26 -12.79
CA LEU A 322 16.19 1.19 -12.80
C LEU A 322 17.49 1.95 -13.05
N LYS A 323 18.62 1.26 -13.11
CA LYS A 323 19.89 1.95 -13.34
C LYS A 323 19.87 2.66 -14.68
N GLY A 324 20.25 3.94 -14.67
CA GLY A 324 20.23 4.76 -15.85
C GLY A 324 18.89 5.40 -16.17
N GLN A 325 17.85 5.09 -15.41
CA GLN A 325 16.52 5.65 -15.59
C GLN A 325 16.19 6.69 -14.53
N PHE A 326 16.46 6.39 -13.28
CA PHE A 326 16.16 7.30 -12.19
C PHE A 326 17.18 8.43 -12.17
N GLU A 327 16.69 9.65 -11.96
CA GLU A 327 17.56 10.83 -11.87
C GLU A 327 17.39 11.45 -10.48
N LEU A 328 18.45 11.37 -9.68
CA LEU A 328 18.46 11.99 -8.37
C LEU A 328 18.69 13.50 -8.53
N THR A 329 17.78 14.31 -7.96
CA THR A 329 17.92 15.76 -8.05
C THR A 329 18.15 16.47 -6.73
N ASP A 330 17.76 15.88 -5.60
CA ASP A 330 17.93 16.54 -4.30
C ASP A 330 19.35 16.36 -3.82
N LYS A 331 20.07 17.48 -3.69
CA LYS A 331 21.48 17.45 -3.32
C LYS A 331 21.73 17.02 -1.88
N ASP A 332 20.68 16.97 -1.04
CA ASP A 332 20.84 16.45 0.31
C ASP A 332 20.99 14.93 0.32
N PHE A 333 20.79 14.27 -0.81
CA PHE A 333 20.85 12.81 -0.91
C PHE A 333 22.00 12.41 -1.84
N GLN A 334 22.48 11.18 -1.68
CA GLN A 334 23.58 10.67 -2.49
C GLN A 334 23.31 9.23 -2.91
N MET A 335 23.60 8.92 -4.18
CA MET A 335 23.51 7.54 -4.62
C MET A 335 24.60 6.71 -3.95
N ASP A 336 24.29 5.46 -3.66
CA ASP A 336 25.26 4.55 -3.09
C ASP A 336 25.00 3.15 -3.61
PG ATP B . 0.28 4.69 2.50
O1G ATP B . -0.40 5.83 3.25
O2G ATP B . -0.58 3.46 2.32
O3G ATP B . 1.01 5.16 1.26
PB ATP B . 2.34 2.88 3.43
O1B ATP B . 2.36 2.31 2.02
O2B ATP B . 3.66 3.26 4.08
O3B ATP B . 1.42 4.21 3.56
PA ATP B . 1.62 0.23 4.38
O1A ATP B . 2.97 -0.38 4.67
O2A ATP B . 0.85 -0.16 3.16
O3A ATP B . 1.65 1.85 4.45
O5' ATP B . 0.76 -0.03 5.72
C5' ATP B . -0.62 0.29 5.76
C4' ATP B . -1.27 -0.45 6.93
O4' ATP B . -0.98 -1.85 6.86
C3' ATP B . -0.82 -0.07 8.33
O3' ATP B . -1.42 1.15 8.82
C2' ATP B . -1.31 -1.27 9.11
O2' ATP B . -2.74 -1.14 9.25
C1' ATP B . -1.09 -2.43 8.16
N9 ATP B . 0.16 -3.16 8.50
C8 ATP B . 1.18 -2.69 9.25
N7 ATP B . 2.18 -3.62 9.35
C5 ATP B . 1.78 -4.70 8.65
C6 ATP B . 2.35 -6.03 8.33
N6 ATP B . 3.56 -6.38 8.84
N1 ATP B . 1.62 -6.88 7.57
C2 ATP B . 0.41 -6.52 7.08
N3 ATP B . -0.16 -5.33 7.32
C4 ATP B . 0.46 -4.40 8.09
MG MG C . -0.07 1.26 1.50
MG MG D . 2.34 3.51 -0.02
MG MG E . 1.73 -1.68 1.51
#